data_5ZNC
#
_entry.id   5ZNC
#
_cell.length_a   95.123
_cell.length_b   95.123
_cell.length_c   47.141
_cell.angle_alpha   90.000
_cell.angle_beta   90.000
_cell.angle_gamma   120.000
#
_symmetry.space_group_name_H-M   'P 3 2 1'
#
loop_
_entity.id
_entity.type
_entity.pdbx_description
1 polymer 'Purine nucleoside phosphorylase'
2 non-polymer Quinine
3 non-polymer 'PHOSPHATE ION'
4 water water
#
_entity_poly.entity_id   1
_entity_poly.type   'polypeptide(L)'
_entity_poly.pdbx_seq_one_letter_code
;MDNLLRHLKISKEQITPVVLVVGDPGRVDKIKVVCDSYVDLAYNREYKSVECHYKGQKFLCVSHGVGSAGCAVCFEELCQ
NGAKVIIRAGSCGSLQPDLIKRGDICICNAAVREDRVSHLLIHGDFPAVGDFDVYDTLNKCAQELNVPVFNGISVSSDMY
YPNKIIPSRLEDYSKANAAVVEMELATLMVIGTLRKVKTGGILIVDGCPFKWDEGDFDNNLVPHQLENMIKIALGACAKL
ATKYA
;
_entity_poly.pdbx_strand_id   A
#
# COMPACT_ATOMS: atom_id res chain seq x y z
N LEU A 4 -11.67 4.96 -22.08
CA LEU A 4 -10.63 4.64 -21.12
C LEU A 4 -10.67 5.52 -19.87
N LEU A 5 -10.01 5.04 -18.82
N LEU A 5 -10.01 5.07 -18.80
CA LEU A 5 -9.88 5.79 -17.58
CA LEU A 5 -9.90 5.88 -17.57
C LEU A 5 -9.12 7.05 -17.93
C LEU A 5 -9.11 7.15 -17.94
N ARG A 6 -9.55 8.17 -17.38
N ARG A 6 -9.52 8.27 -17.39
CA ARG A 6 -8.97 9.44 -17.70
CA ARG A 6 -8.91 9.50 -17.75
C ARG A 6 -7.47 9.52 -17.63
C ARG A 6 -7.44 9.54 -17.64
N HIS A 7 -6.90 9.10 -16.51
CA HIS A 7 -5.43 9.17 -16.33
C HIS A 7 -4.69 7.84 -16.24
N LEU A 8 -5.37 6.78 -15.81
CA LEU A 8 -4.75 5.45 -15.85
C LEU A 8 -4.69 4.89 -17.25
N LYS A 9 -5.59 5.34 -18.11
CA LYS A 9 -5.64 4.91 -19.51
C LYS A 9 -5.95 3.44 -19.73
N ILE A 10 -6.57 2.83 -18.75
CA ILE A 10 -6.99 1.49 -18.95
C ILE A 10 -8.48 1.53 -19.23
N SER A 11 -8.92 0.52 -19.94
CA SER A 11 -10.29 0.52 -20.27
C SER A 11 -11.06 0.11 -19.10
N LYS A 12 -12.27 0.56 -19.03
CA LYS A 12 -13.16 0.24 -17.95
C LYS A 12 -13.47 -1.25 -17.77
N GLU A 13 -13.49 -1.97 -18.88
CA GLU A 13 -13.69 -3.39 -18.93
C GLU A 13 -12.55 -4.20 -18.34
N GLN A 14 -11.37 -3.62 -18.28
CA GLN A 14 -10.19 -4.23 -17.78
C GLN A 14 -9.99 -4.12 -16.26
N ILE A 15 -10.84 -3.38 -15.56
CA ILE A 15 -10.73 -3.24 -14.15
C ILE A 15 -11.28 -4.50 -13.52
N THR A 16 -10.51 -5.10 -12.65
CA THR A 16 -10.92 -6.27 -12.00
C THR A 16 -11.41 -5.93 -10.60
N PRO A 17 -12.17 -6.81 -9.99
CA PRO A 17 -12.63 -6.55 -8.61
C PRO A 17 -11.52 -6.37 -7.56
N VAL A 18 -10.40 -7.10 -7.65
CA VAL A 18 -9.26 -6.94 -6.77
C VAL A 18 -8.12 -6.25 -7.55
N VAL A 19 -7.46 -5.25 -6.92
CA VAL A 19 -6.36 -4.55 -7.48
C VAL A 19 -5.23 -4.44 -6.41
N LEU A 20 -4.04 -4.82 -6.79
CA LEU A 20 -2.84 -4.62 -6.03
C LEU A 20 -2.20 -3.32 -6.48
N VAL A 21 -1.95 -2.39 -5.53
CA VAL A 21 -1.32 -1.14 -5.86
C VAL A 21 0.05 -1.04 -5.19
N VAL A 22 0.99 -0.44 -5.87
CA VAL A 22 2.35 -0.23 -5.42
C VAL A 22 2.83 1.12 -5.87
N GLY A 23 3.82 1.67 -5.21
CA GLY A 23 4.25 3.02 -5.55
C GLY A 23 5.02 3.19 -6.85
N ASP A 24 5.99 2.29 -7.07
CA ASP A 24 6.98 2.43 -8.12
C ASP A 24 6.51 1.69 -9.34
N PRO A 25 6.39 2.35 -10.50
CA PRO A 25 6.07 1.60 -11.75
C PRO A 25 7.02 0.43 -12.04
N GLY A 26 8.29 0.57 -11.68
CA GLY A 26 9.26 -0.54 -11.76
C GLY A 26 8.89 -1.76 -11.00
N ARG A 27 8.16 -1.57 -9.90
CA ARG A 27 7.80 -2.67 -9.09
C ARG A 27 6.72 -3.50 -9.69
N VAL A 28 5.83 -2.88 -10.47
CA VAL A 28 4.84 -3.60 -11.16
C VAL A 28 5.52 -4.65 -12.09
N ASP A 29 6.55 -4.23 -12.78
CA ASP A 29 7.25 -5.14 -13.74
C ASP A 29 7.97 -6.26 -12.97
N LYS A 30 8.42 -5.98 -11.78
CA LYS A 30 9.05 -7.05 -10.96
C LYS A 30 8.04 -7.98 -10.34
N ILE A 31 6.81 -7.54 -10.08
CA ILE A 31 5.76 -8.37 -9.58
C ILE A 31 5.15 -9.25 -10.69
N LYS A 32 4.97 -8.72 -11.91
CA LYS A 32 4.24 -9.46 -12.88
C LYS A 32 4.95 -10.79 -13.25
N VAL A 33 6.25 -10.77 -13.13
CA VAL A 33 7.07 -11.90 -13.58
C VAL A 33 7.02 -13.00 -12.58
N VAL A 34 6.59 -12.76 -11.33
CA VAL A 34 6.35 -13.86 -10.40
C VAL A 34 4.99 -14.45 -10.48
N CYS A 35 4.06 -13.80 -11.21
CA CYS A 35 2.77 -14.37 -11.44
C CYS A 35 2.82 -15.54 -12.44
N ASP A 36 1.68 -16.20 -12.66
CA ASP A 36 1.62 -17.33 -13.62
C ASP A 36 1.68 -16.83 -15.05
N SER A 37 1.11 -15.63 -15.27
CA SER A 37 1.20 -14.94 -16.50
C SER A 37 0.63 -13.56 -16.26
N TYR A 38 0.80 -12.71 -17.28
CA TYR A 38 0.35 -11.29 -17.16
C TYR A 38 0.00 -10.75 -18.53
N VAL A 39 -0.72 -9.65 -18.55
CA VAL A 39 -0.93 -8.88 -19.80
C VAL A 39 -0.63 -7.41 -19.48
N ASP A 40 0.35 -6.82 -20.16
CA ASP A 40 0.61 -5.37 -20.03
C ASP A 40 -0.61 -4.59 -20.53
N LEU A 41 -1.13 -3.64 -19.74
CA LEU A 41 -2.31 -2.90 -20.12
C LEU A 41 -1.98 -1.48 -20.52
N ALA A 42 -1.33 -0.68 -19.68
CA ALA A 42 -1.13 0.75 -19.98
C ALA A 42 -0.02 1.27 -19.12
N TYR A 43 0.61 2.32 -19.58
CA TYR A 43 1.64 3.04 -18.84
C TYR A 43 1.57 4.50 -19.18
N ASN A 44 1.03 5.30 -18.25
CA ASN A 44 0.90 6.72 -18.46
C ASN A 44 1.39 7.45 -17.26
N ARG A 45 2.29 8.38 -17.44
CA ARG A 45 2.91 9.10 -16.32
C ARG A 45 3.56 8.07 -15.39
N GLU A 46 3.33 8.17 -14.09
CA GLU A 46 3.82 7.14 -13.17
C GLU A 46 2.93 5.99 -12.93
N TYR A 47 1.81 5.91 -13.67
CA TYR A 47 0.78 4.89 -13.51
C TYR A 47 0.93 3.72 -14.55
N LYS A 48 1.52 2.61 -14.09
CA LYS A 48 1.73 1.41 -14.93
C LYS A 48 0.74 0.37 -14.51
N SER A 49 0.01 -0.21 -15.47
CA SER A 49 -1.06 -1.16 -15.16
C SER A 49 -0.80 -2.48 -15.87
N VAL A 50 -0.95 -3.60 -15.19
CA VAL A 50 -0.74 -4.96 -15.74
C VAL A 50 -1.79 -5.86 -15.15
N GLU A 51 -2.42 -6.74 -15.97
CA GLU A 51 -3.33 -7.72 -15.52
C GLU A 51 -2.53 -8.96 -15.12
N CYS A 52 -2.60 -9.35 -13.84
CA CYS A 52 -1.89 -10.48 -13.32
C CYS A 52 -2.81 -11.71 -13.28
N HIS A 53 -2.20 -12.88 -13.60
CA HIS A 53 -2.90 -14.18 -13.45
C HIS A 53 -2.08 -15.00 -12.40
N TYR A 54 -2.74 -15.38 -11.31
CA TYR A 54 -2.02 -16.03 -10.22
C TYR A 54 -2.98 -16.95 -9.50
N LYS A 55 -2.57 -18.24 -9.34
CA LYS A 55 -3.39 -19.21 -8.62
C LYS A 55 -4.82 -19.27 -9.14
N GLY A 56 -4.97 -19.22 -10.44
CA GLY A 56 -6.21 -19.33 -11.10
C GLY A 56 -7.09 -18.11 -11.11
N GLN A 57 -6.59 -17.02 -10.50
CA GLN A 57 -7.36 -15.81 -10.46
C GLN A 57 -6.70 -14.68 -11.23
N LYS A 58 -7.50 -13.63 -11.49
CA LYS A 58 -7.04 -12.49 -12.30
C LYS A 58 -7.25 -11.18 -11.48
N PHE A 59 -6.20 -10.40 -11.35
CA PHE A 59 -6.32 -9.09 -10.69
C PHE A 59 -5.32 -8.14 -11.29
N LEU A 60 -5.62 -6.82 -11.28
CA LEU A 60 -4.67 -5.87 -11.76
C LEU A 60 -3.55 -5.59 -10.76
N CYS A 61 -2.41 -5.19 -11.27
CA CYS A 61 -1.35 -4.52 -10.48
C CYS A 61 -1.07 -3.18 -11.12
N VAL A 62 -1.20 -2.10 -10.30
CA VAL A 62 -1.12 -0.73 -10.80
C VAL A 62 -0.23 0.08 -9.88
N SER A 63 0.70 0.80 -10.44
CA SER A 63 1.48 1.83 -9.71
C SER A 63 0.78 3.15 -9.48
N HIS A 64 1.02 3.67 -8.24
CA HIS A 64 0.35 4.92 -7.78
C HIS A 64 1.19 6.15 -7.66
N GLY A 65 2.50 6.04 -7.77
CA GLY A 65 3.48 7.07 -7.59
C GLY A 65 3.78 7.40 -6.11
N VAL A 66 4.70 8.34 -5.91
CA VAL A 66 4.95 8.85 -4.60
C VAL A 66 3.97 9.92 -4.18
N GLY A 67 3.27 9.64 -3.06
CA GLY A 67 2.56 10.71 -2.35
C GLY A 67 1.03 10.72 -2.56
N SER A 68 0.35 11.33 -1.59
CA SER A 68 -1.05 11.21 -1.43
C SER A 68 -1.83 11.82 -2.56
N ALA A 69 -1.48 13.07 -2.95
CA ALA A 69 -2.28 13.66 -4.01
C ALA A 69 -2.22 12.90 -5.35
N GLY A 70 -1.06 12.36 -5.66
CA GLY A 70 -0.91 11.58 -6.90
C GLY A 70 -1.55 10.22 -6.81
N CYS A 71 -1.47 9.54 -5.64
CA CYS A 71 -2.09 8.31 -5.54
C CYS A 71 -3.63 8.38 -5.58
N ALA A 72 -4.21 9.50 -5.06
CA ALA A 72 -5.66 9.65 -4.99
C ALA A 72 -6.23 9.62 -6.40
N VAL A 73 -5.52 10.16 -7.37
CA VAL A 73 -6.03 10.13 -8.77
C VAL A 73 -6.23 8.65 -9.18
N CYS A 74 -5.19 7.85 -8.91
CA CYS A 74 -5.20 6.40 -9.20
C CYS A 74 -6.33 5.71 -8.49
N PHE A 75 -6.39 5.88 -7.15
CA PHE A 75 -7.36 5.18 -6.33
C PHE A 75 -8.79 5.54 -6.70
N GLU A 76 -9.06 6.85 -6.93
CA GLU A 76 -10.39 7.30 -7.33
C GLU A 76 -10.76 6.64 -8.64
N GLU A 77 -9.87 6.63 -9.65
CA GLU A 77 -10.25 6.03 -10.92
C GLU A 77 -10.53 4.56 -10.78
N LEU A 78 -9.74 3.88 -9.98
CA LEU A 78 -10.08 2.43 -9.73
C LEU A 78 -11.39 2.19 -9.04
N CYS A 79 -11.72 3.00 -8.00
CA CYS A 79 -12.97 2.90 -7.26
C CYS A 79 -14.16 3.31 -8.03
N GLN A 80 -13.99 4.30 -8.89
CA GLN A 80 -15.09 4.76 -9.76
C GLN A 80 -15.40 3.79 -10.85
N ASN A 81 -14.49 2.84 -11.18
CA ASN A 81 -14.65 2.04 -12.37
C ASN A 81 -14.70 0.55 -12.05
N GLY A 82 -15.08 0.19 -10.82
CA GLY A 82 -15.30 -1.21 -10.51
C GLY A 82 -14.45 -1.97 -9.55
N ALA A 83 -13.35 -1.40 -9.09
CA ALA A 83 -12.56 -2.07 -8.10
C ALA A 83 -13.39 -2.26 -6.80
N LYS A 84 -13.34 -3.44 -6.20
CA LYS A 84 -14.03 -3.74 -4.96
C LYS A 84 -13.07 -3.91 -3.78
N VAL A 85 -11.82 -4.28 -4.05
CA VAL A 85 -10.82 -4.50 -3.05
C VAL A 85 -9.52 -3.90 -3.59
N ILE A 86 -8.82 -3.10 -2.77
CA ILE A 86 -7.52 -2.56 -3.14
C ILE A 86 -6.55 -2.80 -2.02
N ILE A 87 -5.49 -3.54 -2.29
CA ILE A 87 -4.37 -3.75 -1.34
C ILE A 87 -3.20 -2.97 -1.80
N ARG A 88 -2.64 -2.13 -0.91
CA ARG A 88 -1.37 -1.50 -1.12
C ARG A 88 -0.23 -2.33 -0.57
N ALA A 89 0.78 -2.57 -1.38
CA ALA A 89 2.05 -3.14 -0.92
C ALA A 89 3.10 -2.15 -1.12
N GLY A 90 3.87 -1.82 -0.10
CA GLY A 90 4.81 -0.72 -0.14
C GLY A 90 5.98 -0.89 0.82
N SER A 91 6.76 0.15 0.91
CA SER A 91 7.82 0.21 1.87
C SER A 91 7.46 1.23 2.95
N CYS A 92 8.17 1.20 4.08
CA CYS A 92 7.85 2.12 5.16
C CYS A 92 9.09 2.21 6.05
N GLY A 93 9.05 3.18 6.97
CA GLY A 93 10.12 3.39 7.92
C GLY A 93 9.68 2.94 9.29
N SER A 94 10.61 2.43 10.14
CA SER A 94 10.17 2.00 11.47
C SER A 94 10.02 3.20 12.38
N LEU A 95 8.97 3.22 13.19
CA LEU A 95 8.83 4.19 14.27
C LEU A 95 9.10 3.53 15.61
N GLN A 96 9.54 2.28 15.61
CA GLN A 96 9.82 1.58 16.91
C GLN A 96 11.16 0.80 16.73
N PRO A 97 12.25 1.52 16.63
CA PRO A 97 13.51 0.95 16.19
C PRO A 97 14.07 -0.16 17.12
N ASP A 98 13.62 -0.19 18.37
CA ASP A 98 13.98 -1.32 19.23
C ASP A 98 13.34 -2.64 18.81
N LEU A 99 12.18 -2.60 18.17
CA LEU A 99 11.36 -3.79 17.96
C LEU A 99 11.08 -4.14 16.52
N ILE A 100 11.05 -3.12 15.67
CA ILE A 100 10.73 -3.22 14.25
C ILE A 100 11.94 -2.83 13.51
N LYS A 101 12.54 -3.86 12.86
CA LYS A 101 13.80 -3.70 12.21
C LYS A 101 13.70 -3.86 10.69
N ARG A 102 14.79 -3.51 10.04
CA ARG A 102 14.98 -3.65 8.60
C ARG A 102 14.55 -4.90 8.06
N GLY A 103 13.73 -4.79 7.04
CA GLY A 103 13.13 -6.00 6.51
C GLY A 103 11.97 -6.68 7.11
N ASP A 104 11.52 -6.24 8.31
CA ASP A 104 10.33 -6.72 8.90
C ASP A 104 9.14 -6.26 8.05
N ILE A 105 8.10 -7.01 8.17
CA ILE A 105 6.89 -6.86 7.41
C ILE A 105 5.72 -6.46 8.32
N CYS A 106 5.00 -5.38 7.95
CA CYS A 106 3.84 -4.94 8.74
C CYS A 106 2.57 -5.00 7.95
N ILE A 107 1.55 -5.60 8.52
CA ILE A 107 0.24 -5.67 7.95
C ILE A 107 -0.61 -4.65 8.74
N CYS A 108 -1.03 -3.56 8.07
N CYS A 108 -1.10 -3.61 8.08
CA CYS A 108 -1.60 -2.41 8.78
CA CYS A 108 -1.52 -2.43 8.80
C CYS A 108 -3.08 -2.37 8.72
C CYS A 108 -3.01 -2.25 8.69
N ASN A 109 -3.69 -1.99 9.82
CA ASN A 109 -5.15 -1.87 9.88
C ASN A 109 -5.72 -0.46 9.89
N ALA A 110 -4.87 0.49 10.08
CA ALA A 110 -5.35 1.89 10.26
C ALA A 110 -4.19 2.80 10.02
N ALA A 111 -4.47 4.09 9.80
CA ALA A 111 -3.45 5.06 9.46
C ALA A 111 -3.71 6.47 9.96
N VAL A 112 -2.61 7.18 10.17
CA VAL A 112 -2.60 8.61 10.53
C VAL A 112 -2.80 9.44 9.24
N ARG A 113 -3.77 10.37 9.27
CA ARG A 113 -4.15 11.10 8.06
C ARG A 113 -3.32 12.39 7.90
N GLU A 114 -1.98 12.23 7.80
CA GLU A 114 -1.10 13.40 7.63
C GLU A 114 -0.91 13.80 6.15
N ASP A 115 -2.05 13.89 5.49
CA ASP A 115 -2.20 14.31 4.10
C ASP A 115 -3.08 15.53 4.05
N ARG A 116 -3.46 15.90 2.83
CA ARG A 116 -4.44 16.94 2.64
C ARG A 116 -5.66 16.42 1.87
N VAL A 117 -5.46 15.56 0.89
CA VAL A 117 -6.66 15.17 0.08
C VAL A 117 -7.73 14.49 0.94
N SER A 118 -7.36 13.65 1.92
CA SER A 118 -8.37 13.04 2.74
C SER A 118 -9.22 14.08 3.44
N HIS A 119 -8.61 15.16 3.85
CA HIS A 119 -9.28 16.21 4.57
C HIS A 119 -10.15 17.10 3.65
N LEU A 120 -9.81 17.13 2.38
CA LEU A 120 -10.63 17.83 1.39
C LEU A 120 -11.84 16.98 1.03
N LEU A 121 -11.88 15.69 1.38
CA LEU A 121 -13.01 14.78 1.15
C LEU A 121 -13.87 14.61 2.35
N ILE A 122 -13.29 14.56 3.56
CA ILE A 122 -14.10 14.29 4.78
C ILE A 122 -13.37 14.90 5.99
N HIS A 123 -14.12 15.30 6.98
CA HIS A 123 -13.61 15.94 8.19
C HIS A 123 -12.52 15.08 8.80
N GLY A 124 -11.54 15.77 9.41
CA GLY A 124 -10.42 15.16 10.07
C GLY A 124 -10.69 14.11 11.16
N ASP A 125 -11.86 14.24 11.80
CA ASP A 125 -12.21 13.32 12.84
C ASP A 125 -12.43 11.92 12.35
N PHE A 126 -12.75 11.78 11.04
CA PHE A 126 -13.03 10.51 10.49
C PHE A 126 -11.81 9.59 10.40
N PRO A 127 -11.95 8.29 10.81
CA PRO A 127 -10.78 7.44 10.83
C PRO A 127 -10.35 6.92 9.45
N ALA A 128 -9.06 6.81 9.30
CA ALA A 128 -8.45 6.07 8.17
C ALA A 128 -8.29 4.63 8.68
N VAL A 129 -9.17 3.74 8.25
CA VAL A 129 -9.16 2.34 8.69
C VAL A 129 -9.31 1.41 7.46
N GLY A 130 -8.56 0.34 7.50
CA GLY A 130 -8.76 -0.72 6.49
C GLY A 130 -9.91 -1.65 6.77
N ASP A 131 -10.25 -2.42 5.73
CA ASP A 131 -11.24 -3.49 5.92
C ASP A 131 -10.68 -4.68 6.68
N PHE A 132 -11.48 -5.20 7.65
N PHE A 132 -11.40 -5.14 7.68
CA PHE A 132 -11.07 -6.36 8.57
CA PHE A 132 -10.80 -6.09 8.57
C PHE A 132 -10.76 -7.57 7.78
C PHE A 132 -10.77 -7.53 7.86
N ASP A 133 -11.58 -7.82 6.92
CA ASP A 133 -11.47 -9.02 6.09
C ASP A 133 -10.19 -9.06 5.27
N VAL A 134 -9.89 -7.97 4.59
CA VAL A 134 -8.62 -7.86 3.91
C VAL A 134 -7.38 -8.04 4.80
N TYR A 135 -7.41 -7.37 5.94
CA TYR A 135 -6.40 -7.48 6.95
C TYR A 135 -6.25 -8.93 7.42
N ASP A 136 -7.37 -9.60 7.66
CA ASP A 136 -7.39 -10.99 8.11
C ASP A 136 -6.82 -11.89 7.02
N THR A 137 -7.22 -11.63 5.81
CA THR A 137 -6.72 -12.42 4.67
C THR A 137 -5.20 -12.34 4.51
N LEU A 138 -4.61 -11.12 4.65
CA LEU A 138 -3.20 -10.87 4.57
C LEU A 138 -2.51 -11.64 5.69
N ASN A 139 -3.04 -11.54 6.90
CA ASN A 139 -2.43 -12.17 8.02
C ASN A 139 -2.48 -13.68 7.87
N LYS A 140 -3.57 -14.18 7.37
CA LYS A 140 -3.67 -15.66 7.19
C LYS A 140 -2.77 -16.19 6.08
N CYS A 141 -2.51 -15.40 5.07
CA CYS A 141 -1.53 -15.78 4.04
C CYS A 141 -0.11 -15.79 4.54
N ALA A 142 0.23 -14.82 5.40
CA ALA A 142 1.57 -14.74 6.03
C ALA A 142 1.77 -15.98 6.95
N GLN A 143 0.70 -16.40 7.61
CA GLN A 143 0.77 -17.53 8.56
C GLN A 143 0.97 -18.78 7.74
N GLU A 144 0.24 -18.95 6.65
CA GLU A 144 0.44 -20.13 5.75
C GLU A 144 1.81 -20.32 5.17
N LEU A 145 2.51 -19.22 4.97
CA LEU A 145 3.78 -19.19 4.31
C LEU A 145 4.85 -19.19 5.37
N ASN A 146 4.46 -19.24 6.64
CA ASN A 146 5.40 -19.11 7.77
C ASN A 146 6.26 -17.92 7.71
N VAL A 147 5.65 -16.75 7.48
CA VAL A 147 6.41 -15.53 7.42
C VAL A 147 5.96 -14.70 8.62
N PRO A 148 6.88 -14.44 9.56
CA PRO A 148 6.47 -13.62 10.67
C PRO A 148 6.10 -12.21 10.15
N VAL A 149 5.09 -11.64 10.78
CA VAL A 149 4.75 -10.21 10.55
C VAL A 149 4.47 -9.45 11.84
N PHE A 150 4.49 -8.10 11.74
CA PHE A 150 4.05 -7.10 12.74
C PHE A 150 2.68 -6.60 12.28
N ASN A 151 1.80 -6.24 13.21
CA ASN A 151 0.64 -5.43 12.89
C ASN A 151 0.62 -4.09 13.62
N GLY A 152 0.07 -3.07 12.99
CA GLY A 152 0.11 -1.75 13.63
C GLY A 152 -0.42 -0.66 12.70
N ILE A 153 -0.39 0.53 13.24
CA ILE A 153 -0.89 1.76 12.58
C ILE A 153 0.30 2.33 11.86
N SER A 154 0.04 2.82 10.64
CA SER A 154 0.99 3.56 9.86
C SER A 154 0.75 5.05 9.97
N VAL A 155 1.79 5.84 10.09
CA VAL A 155 1.71 7.30 9.87
C VAL A 155 1.88 7.55 8.38
N SER A 156 0.82 8.04 7.73
CA SER A 156 0.95 8.40 6.31
C SER A 156 1.18 9.90 6.23
N SER A 157 2.42 10.31 6.01
CA SER A 157 2.81 11.72 6.03
C SER A 157 3.20 12.23 4.65
N ASP A 158 2.71 13.40 4.30
CA ASP A 158 3.10 14.07 3.06
C ASP A 158 4.47 14.70 3.11
N MET A 159 5.13 14.74 4.28
CA MET A 159 6.48 15.33 4.35
C MET A 159 7.54 14.22 4.58
N TYR A 160 8.35 14.02 3.54
CA TYR A 160 9.48 13.07 3.59
C TYR A 160 10.68 13.73 4.21
N TYR A 161 11.08 14.92 3.75
CA TYR A 161 12.19 15.66 4.25
C TYR A 161 11.75 16.78 5.21
N PRO A 162 11.89 16.56 6.52
CA PRO A 162 11.50 17.60 7.45
C PRO A 162 12.40 18.78 7.45
N ASN A 163 11.94 19.96 7.83
N ASN A 163 11.87 19.90 7.95
CA ASN A 163 12.87 21.05 8.08
CA ASN A 163 12.63 21.07 8.29
C ASN A 163 12.89 21.24 9.62
C ASN A 163 12.78 21.28 9.75
N LYS A 164 13.59 22.27 10.08
CA LYS A 164 13.90 22.54 11.42
C LYS A 164 12.96 23.63 12.09
N ILE A 165 11.90 24.08 11.41
CA ILE A 165 11.04 25.16 11.95
C ILE A 165 9.85 24.59 12.65
N ILE A 166 9.11 23.73 11.95
CA ILE A 166 7.94 23.08 12.53
C ILE A 166 8.33 21.65 12.84
N PRO A 167 8.24 21.24 14.11
CA PRO A 167 8.71 19.88 14.38
C PRO A 167 7.91 18.83 13.65
N SER A 168 8.60 17.84 13.14
CA SER A 168 7.91 16.64 12.65
C SER A 168 7.14 16.00 13.76
N ARG A 169 5.98 15.46 13.42
CA ARG A 169 5.14 14.73 14.43
C ARG A 169 5.48 13.25 14.58
N LEU A 170 6.57 12.77 13.94
CA LEU A 170 6.92 11.35 13.97
C LEU A 170 7.17 10.85 15.40
N GLU A 171 7.89 11.63 16.17
CA GLU A 171 8.21 11.19 17.55
C GLU A 171 6.93 11.14 18.37
N ASP A 172 6.01 12.13 18.23
CA ASP A 172 4.73 12.05 18.91
C ASP A 172 4.04 10.79 18.53
N TYR A 173 4.00 10.46 17.23
CA TYR A 173 3.26 9.27 16.83
C TYR A 173 3.90 7.96 17.27
N SER A 174 5.22 7.96 17.40
CA SER A 174 5.96 6.82 17.94
C SER A 174 5.51 6.64 19.38
N LYS A 175 5.46 7.72 20.14
CA LYS A 175 5.01 7.67 21.54
C LYS A 175 3.59 7.22 21.69
N ALA A 176 2.76 7.53 20.70
CA ALA A 176 1.39 7.04 20.58
C ALA A 176 1.19 5.61 20.11
N ASN A 177 2.29 4.90 19.84
CA ASN A 177 2.35 3.52 19.43
C ASN A 177 2.02 3.27 17.96
N ALA A 178 2.16 4.28 17.13
CA ALA A 178 2.22 4.04 15.69
C ALA A 178 3.46 3.20 15.37
N ALA A 179 3.30 2.24 14.44
CA ALA A 179 4.43 1.29 14.16
C ALA A 179 5.40 1.78 13.18
N VAL A 180 4.85 2.35 12.08
CA VAL A 180 5.66 2.66 10.89
C VAL A 180 5.17 3.95 10.21
N VAL A 181 5.96 4.40 9.26
CA VAL A 181 5.66 5.64 8.50
C VAL A 181 5.77 5.36 7.01
N GLU A 182 4.79 5.83 6.25
CA GLU A 182 4.84 5.79 4.81
C GLU A 182 4.06 7.03 4.25
N MET A 183 3.52 6.95 3.02
CA MET A 183 3.01 8.18 2.43
C MET A 183 1.64 8.07 1.79
N GLU A 184 1.05 6.89 1.74
CA GLU A 184 -0.23 6.74 0.99
C GLU A 184 -1.38 5.98 1.62
N LEU A 185 -1.12 5.16 2.64
CA LEU A 185 -2.13 4.26 3.11
C LEU A 185 -3.38 5.00 3.65
N ALA A 186 -3.21 6.09 4.43
CA ALA A 186 -4.38 6.77 4.94
C ALA A 186 -5.31 7.23 3.81
N THR A 187 -4.69 7.75 2.77
CA THR A 187 -5.40 8.25 1.61
C THR A 187 -6.23 7.08 0.98
N LEU A 188 -5.55 6.00 0.72
CA LEU A 188 -6.27 4.78 0.24
C LEU A 188 -7.44 4.40 1.11
N MET A 189 -7.21 4.36 2.42
CA MET A 189 -8.25 3.91 3.36
C MET A 189 -9.46 4.82 3.36
N VAL A 190 -9.25 6.14 3.38
CA VAL A 190 -10.37 7.04 3.41
C VAL A 190 -11.17 7.03 2.10
N ILE A 191 -10.45 7.02 0.97
CA ILE A 191 -11.16 6.95 -0.34
C ILE A 191 -11.96 5.65 -0.42
N GLY A 192 -11.34 4.54 0.00
CA GLY A 192 -12.06 3.30 0.06
C GLY A 192 -13.30 3.28 0.87
N THR A 193 -13.26 3.88 2.10
CA THR A 193 -14.47 3.92 2.91
C THR A 193 -15.55 4.77 2.20
N LEU A 194 -15.13 5.91 1.66
CA LEU A 194 -16.07 6.81 0.96
C LEU A 194 -16.72 6.15 -0.26
N ARG A 195 -16.00 5.23 -0.89
CA ARG A 195 -16.44 4.68 -2.12
C ARG A 195 -16.91 3.30 -1.96
N LYS A 196 -17.02 2.78 -0.74
CA LYS A 196 -17.46 1.38 -0.52
C LYS A 196 -16.52 0.37 -1.21
N VAL A 197 -15.22 0.57 -1.08
CA VAL A 197 -14.19 -0.33 -1.55
C VAL A 197 -13.36 -0.77 -0.38
N LYS A 198 -13.13 -2.09 -0.28
CA LYS A 198 -12.40 -2.66 0.83
C LYS A 198 -10.92 -2.43 0.60
N THR A 199 -10.19 -1.98 1.63
CA THR A 199 -8.77 -1.71 1.45
C THR A 199 -7.85 -2.38 2.51
N GLY A 200 -6.62 -2.57 2.14
CA GLY A 200 -5.59 -2.96 3.10
C GLY A 200 -4.23 -2.58 2.72
N GLY A 201 -3.25 -2.91 3.61
CA GLY A 201 -1.93 -2.55 3.44
C GLY A 201 -0.91 -3.47 4.05
N ILE A 202 0.09 -3.78 3.26
CA ILE A 202 1.25 -4.56 3.71
C ILE A 202 2.51 -3.86 3.34
N LEU A 203 3.47 -3.74 4.30
CA LEU A 203 4.59 -2.90 4.15
C LEU A 203 5.87 -3.57 4.61
N ILE A 204 6.92 -3.29 3.91
CA ILE A 204 8.28 -3.78 4.30
C ILE A 204 9.04 -2.63 4.86
N VAL A 205 9.69 -2.88 6.02
CA VAL A 205 10.52 -1.91 6.65
C VAL A 205 11.87 -1.67 5.99
N ASP A 206 12.17 -0.42 5.73
CA ASP A 206 13.38 0.03 5.08
C ASP A 206 13.92 1.24 5.85
N GLY A 207 14.69 0.99 6.90
CA GLY A 207 15.22 2.09 7.60
C GLY A 207 14.30 2.61 8.74
N CYS A 208 14.85 3.62 9.38
CA CYS A 208 14.22 4.30 10.49
C CYS A 208 14.54 5.72 10.41
N PRO A 209 13.51 6.59 10.24
CA PRO A 209 13.77 7.99 10.14
C PRO A 209 14.53 8.63 11.35
N PHE A 210 14.37 8.03 12.50
CA PHE A 210 15.00 8.58 13.71
C PHE A 210 16.51 8.31 13.71
N LYS A 211 16.93 7.49 12.78
CA LYS A 211 18.35 7.13 12.59
C LYS A 211 18.90 7.42 11.22
N TRP A 212 18.30 8.36 10.51
CA TRP A 212 18.88 8.81 9.27
C TRP A 212 20.23 9.56 9.44
N ASP A 213 20.40 10.31 10.53
CA ASP A 213 21.69 11.02 10.85
C ASP A 213 22.91 10.07 11.00
N GLU A 214 22.61 8.79 11.18
CA GLU A 214 23.59 7.69 11.14
C GLU A 214 23.50 6.73 9.86
N GLY A 215 22.94 7.29 8.78
CA GLY A 215 22.79 6.59 7.49
C GLY A 215 21.79 5.45 7.42
N ASP A 216 20.78 5.42 8.31
CA ASP A 216 19.87 4.24 8.35
C ASP A 216 18.63 4.47 7.41
N PHE A 217 18.93 4.84 6.20
CA PHE A 217 17.92 5.19 5.21
C PHE A 217 17.05 4.15 4.60
N ASP A 218 16.09 4.63 3.82
CA ASP A 218 15.27 3.73 3.10
C ASP A 218 15.96 3.45 1.75
N ASN A 219 16.96 2.57 1.79
CA ASN A 219 17.78 2.23 0.64
C ASN A 219 18.21 0.80 0.60
N ASN A 220 17.52 -0.05 1.31
CA ASN A 220 17.84 -1.46 1.32
C ASN A 220 16.68 -2.38 1.63
N LEU A 221 15.98 -2.77 0.59
CA LEU A 221 14.93 -3.73 0.74
C LEU A 221 15.58 -5.12 0.81
N VAL A 222 15.51 -5.76 1.94
CA VAL A 222 16.04 -7.10 2.15
C VAL A 222 15.38 -8.05 1.14
N PRO A 223 16.20 -8.60 0.21
CA PRO A 223 15.58 -9.24 -0.97
C PRO A 223 14.67 -10.40 -0.60
N HIS A 224 15.03 -11.27 0.38
CA HIS A 224 14.22 -12.38 0.71
C HIS A 224 12.89 -11.95 1.38
N GLN A 225 13.00 -10.91 2.20
CA GLN A 225 11.85 -10.34 2.88
C GLN A 225 10.90 -9.68 1.87
N LEU A 226 11.47 -8.93 0.99
CA LEU A 226 10.64 -8.42 -0.11
C LEU A 226 9.93 -9.47 -0.90
N GLU A 227 10.63 -10.55 -1.33
CA GLU A 227 9.93 -11.67 -1.92
C GLU A 227 8.77 -12.26 -1.13
N ASN A 228 8.98 -12.46 0.18
CA ASN A 228 7.98 -12.97 1.07
C ASN A 228 6.78 -12.02 1.13
N MET A 229 7.03 -10.73 1.18
N MET A 229 7.07 -10.73 1.15
CA MET A 229 5.90 -9.80 1.28
CA MET A 229 5.98 -9.75 1.24
C MET A 229 5.08 -9.87 0.03
C MET A 229 5.19 -9.80 -0.04
N ILE A 230 5.76 -9.91 -1.11
N ILE A 230 5.83 -9.84 -1.21
CA ILE A 230 5.10 -9.94 -2.40
CA ILE A 230 5.06 -9.95 -2.46
C ILE A 230 4.31 -11.23 -2.56
C ILE A 230 4.27 -11.25 -2.54
N LYS A 231 4.85 -12.36 -2.10
CA LYS A 231 4.10 -13.58 -2.06
C LYS A 231 2.85 -13.52 -1.22
N ILE A 232 2.95 -12.84 -0.07
CA ILE A 232 1.79 -12.69 0.78
C ILE A 232 0.72 -11.83 0.09
N ALA A 233 1.21 -10.73 -0.46
CA ALA A 233 0.30 -9.82 -1.18
C ALA A 233 -0.42 -10.45 -2.35
N LEU A 234 0.36 -11.17 -3.19
CA LEU A 234 -0.27 -11.94 -4.29
C LEU A 234 -1.22 -13.03 -3.85
N GLY A 235 -0.79 -13.76 -2.82
CA GLY A 235 -1.68 -14.74 -2.18
C GLY A 235 -3.04 -14.19 -1.73
N ALA A 236 -2.97 -13.05 -1.05
CA ALA A 236 -4.16 -12.44 -0.58
C ALA A 236 -5.08 -11.97 -1.66
N CYS A 237 -4.47 -11.33 -2.68
CA CYS A 237 -5.23 -10.92 -3.84
C CYS A 237 -5.98 -12.05 -4.49
N ALA A 238 -5.29 -13.16 -4.69
CA ALA A 238 -5.93 -14.33 -5.30
C ALA A 238 -7.09 -14.90 -4.45
N LYS A 239 -6.91 -14.93 -3.15
CA LYS A 239 -7.99 -15.42 -2.31
C LYS A 239 -9.19 -14.52 -2.31
N LEU A 240 -8.94 -13.22 -2.28
CA LEU A 240 -10.03 -12.28 -2.29
C LEU A 240 -10.72 -12.24 -3.62
N ALA A 241 -9.99 -12.47 -4.68
CA ALA A 241 -10.54 -12.47 -6.01
C ALA A 241 -11.53 -13.64 -6.25
N THR A 242 -11.32 -14.75 -5.54
CA THR A 242 -12.17 -15.93 -5.62
C THR A 242 -13.66 -15.63 -5.36
N LYS A 243 -13.96 -14.75 -4.43
CA LYS A 243 -15.30 -14.34 -4.11
C LYS A 243 -16.05 -13.59 -5.17
N TYR A 244 -15.35 -12.95 -6.06
CA TYR A 244 -16.03 -12.22 -7.07
C TYR A 244 -16.12 -13.00 -8.34
N ALA A 245 -15.23 -13.95 -8.49
CA ALA A 245 -15.14 -14.81 -9.65
C ALA A 245 -16.27 -15.88 -9.58
#